data_7WQ8
#
_entry.id   7WQ8
#
_cell.length_a   112.178
_cell.length_b   54.636
_cell.length_c   45.279
_cell.angle_alpha   90.000
_cell.angle_beta   101.134
_cell.angle_gamma   90.000
#
_symmetry.space_group_name_H-M   'C 1 2 1'
#
loop_
_entity.id
_entity.type
_entity.pdbx_description
1 polymer '3C-like proteinase'
2 polymer Z-DEVD-FMK
3 water water
#
loop_
_entity_poly.entity_id
_entity_poly.type
_entity_poly.pdbx_seq_one_letter_code
_entity_poly.pdbx_strand_id
1 'polypeptide(L)'
;GSGFRKMAFPSGKVEGCMVQVTCGTTTLNGLWLDDVVYCPRHVICTSEDMLNPNYEDLLIRKSNHNFLVQAGNVQLRVIG
HSMQNCVLKLKVDTANPKTPKYKFVRIQPGQTFSVLACYNGSPSGVYQCAMRPNFTIKGSFLNGSCGSVGFNIDYDCVSF
CYMHHMELPTGVHAGTDLEGNFYGPFVDRQTAQAAGTDTTITVNVLAWLYAAVINGDRWFLNRFTTTLNDFNLVAMKYNY
EPLTQDHVDILGPLSAQTGIAVLDMCASLKELLQNGMNGRTILGSALLEDEFTPFDVVRQCSGVTFQ
;
A
2 'polypeptide(L)' (P6S)(FL6)(GME)V(FL6)(CF0) B
#
loop_
_chem_comp.id
_chem_comp.type
_chem_comp.name
_chem_comp.formula
CF0 non-polymer fluoromethane 'C H3 F'
P6S non-polymer 'benzyl hydrogen carbonate' 'C8 H8 O3'
#
# COMPACT_ATOMS: atom_id res chain seq x y z
N GLY A 3 -0.74 9.21 -22.37
CA GLY A 3 -0.37 8.71 -21.02
C GLY A 3 -0.73 9.71 -19.92
N PHE A 4 -0.81 9.22 -18.69
CA PHE A 4 -0.95 10.01 -17.44
C PHE A 4 -0.29 9.19 -16.33
N ARG A 5 0.79 9.71 -15.74
CA ARG A 5 1.80 8.88 -15.01
C ARG A 5 1.31 8.60 -13.60
N LYS A 6 1.36 7.33 -13.19
CA LYS A 6 1.28 6.92 -11.78
C LYS A 6 2.59 7.35 -11.09
N MET A 7 2.55 8.42 -10.31
CA MET A 7 3.75 8.93 -9.60
C MET A 7 3.73 8.44 -8.17
N ALA A 8 4.90 8.10 -7.66
CA ALA A 8 5.17 7.89 -6.22
C ALA A 8 5.57 9.22 -5.60
N PHE A 9 5.36 9.37 -4.29
CA PHE A 9 5.93 10.50 -3.50
C PHE A 9 7.44 10.43 -3.58
N PRO A 10 8.14 11.57 -3.56
CA PRO A 10 9.59 11.57 -3.42
C PRO A 10 9.95 10.79 -2.14
N SER A 11 11.00 9.96 -2.19
CA SER A 11 11.31 8.90 -1.20
C SER A 11 12.41 9.33 -0.21
N GLY A 12 13.04 10.48 -0.40
CA GLY A 12 14.29 10.86 0.31
C GLY A 12 14.16 10.75 1.83
N LYS A 13 13.07 11.29 2.38
CA LYS A 13 12.81 11.34 3.85
C LYS A 13 12.69 9.94 4.43
N VAL A 14 12.29 8.96 3.62
CA VAL A 14 12.13 7.54 4.03
C VAL A 14 13.46 6.82 3.87
N GLU A 15 14.23 7.14 2.81
CA GLU A 15 15.51 6.47 2.49
C GLU A 15 16.42 6.47 3.73
N GLY A 16 16.54 7.62 4.39
CA GLY A 16 17.47 7.84 5.53
C GLY A 16 17.05 7.08 6.78
N CYS A 17 15.96 6.32 6.73
CA CYS A 17 15.39 5.57 7.89
C CYS A 17 15.47 4.06 7.66
N MET A 18 15.89 3.60 6.49
CA MET A 18 15.86 2.16 6.16
C MET A 18 17.16 1.53 6.63
N VAL A 19 17.05 0.45 7.40
CA VAL A 19 18.19 -0.31 7.95
C VAL A 19 17.99 -1.81 7.65
N GLN A 20 19.07 -2.56 7.74
CA GLN A 20 19.09 -4.03 7.68
C GLN A 20 18.84 -4.59 9.08
N VAL A 21 17.96 -5.57 9.22
CA VAL A 21 17.80 -6.30 10.50
C VAL A 21 18.04 -7.79 10.24
N THR A 22 19.01 -8.36 10.94
CA THR A 22 19.38 -9.79 10.89
C THR A 22 19.11 -10.44 12.24
N CYS A 23 18.50 -11.62 12.18
CA CYS A 23 18.33 -12.54 13.32
C CYS A 23 18.68 -13.96 12.85
N GLY A 24 19.85 -14.45 13.26
CA GLY A 24 20.44 -15.71 12.75
C GLY A 24 20.69 -15.62 11.25
N THR A 25 20.01 -16.46 10.47
CA THR A 25 20.17 -16.54 8.98
C THR A 25 19.10 -15.67 8.30
N THR A 26 18.18 -15.08 9.06
CA THR A 26 17.06 -14.25 8.52
C THR A 26 17.48 -12.79 8.48
N THR A 27 17.50 -12.19 7.29
CA THR A 27 17.73 -10.74 7.06
C THR A 27 16.48 -10.12 6.40
N LEU A 28 16.04 -8.96 6.88
CA LEU A 28 15.01 -8.16 6.19
C LEU A 28 15.16 -6.68 6.57
N ASN A 29 14.20 -5.87 6.17
CA ASN A 29 14.29 -4.39 6.25
C ASN A 29 13.66 -3.92 7.54
N GLY A 30 14.23 -2.87 8.11
CA GLY A 30 13.72 -2.21 9.31
C GLY A 30 13.59 -0.73 9.08
N LEU A 31 12.75 -0.09 9.87
CA LEU A 31 12.52 1.37 9.79
C LEU A 31 13.02 2.01 11.08
N TRP A 32 13.99 2.89 10.97
CA TRP A 32 14.74 3.50 12.10
C TRP A 32 14.26 4.94 12.31
N LEU A 33 13.41 5.13 13.30
CA LEU A 33 12.81 6.42 13.66
C LEU A 33 13.19 6.71 15.11
N ASP A 34 13.69 7.91 15.40
CA ASP A 34 14.21 8.25 16.74
C ASP A 34 15.10 7.08 17.16
N ASP A 35 14.92 6.53 18.35
CA ASP A 35 15.82 5.45 18.86
C ASP A 35 15.16 4.08 18.73
N VAL A 36 14.26 3.88 17.76
CA VAL A 36 13.50 2.60 17.59
C VAL A 36 13.58 2.11 16.14
N VAL A 37 13.91 0.84 15.96
CA VAL A 37 13.82 0.10 14.67
C VAL A 37 12.57 -0.78 14.69
N TYR A 38 11.71 -0.59 13.71
CA TYR A 38 10.49 -1.40 13.45
C TYR A 38 10.74 -2.36 12.30
N CYS A 39 10.41 -3.63 12.51
CA CYS A 39 10.38 -4.63 11.42
C CYS A 39 9.36 -5.72 11.74
N PRO A 40 9.08 -6.61 10.77
CA PRO A 40 8.19 -7.75 11.00
C PRO A 40 8.75 -8.66 12.09
N ARG A 41 7.90 -9.07 13.03
CA ARG A 41 8.34 -9.93 14.16
C ARG A 41 8.77 -11.32 13.64
N HIS A 42 8.39 -11.70 12.42
CA HIS A 42 8.66 -13.08 11.93
C HIS A 42 10.15 -13.25 11.64
N VAL A 43 10.94 -12.18 11.75
CA VAL A 43 12.44 -12.23 11.72
C VAL A 43 12.97 -13.15 12.84
N ILE A 44 12.24 -13.34 13.94
CA ILE A 44 12.76 -14.14 15.10
C ILE A 44 12.46 -15.63 14.89
N CYS A 45 11.83 -15.99 13.78
CA CYS A 45 11.34 -17.35 13.48
C CYS A 45 12.41 -18.15 12.71
N THR A 46 12.59 -19.40 13.10
CA THR A 46 13.28 -20.45 12.32
C THR A 46 12.26 -21.04 11.33
N SER A 47 12.75 -21.67 10.25
CA SER A 47 11.92 -22.20 9.15
C SER A 47 10.84 -23.15 9.70
N GLU A 48 11.19 -23.96 10.69
CA GLU A 48 10.25 -24.76 11.54
C GLU A 48 9.20 -23.83 12.15
N ASP A 49 9.66 -22.85 12.94
CA ASP A 49 8.83 -21.96 13.80
C ASP A 49 7.67 -21.35 13.00
N MET A 50 7.84 -21.08 11.69
CA MET A 50 6.91 -20.26 10.86
C MET A 50 5.53 -20.96 10.75
N LEU A 51 5.45 -22.27 11.00
CA LEU A 51 4.20 -23.04 10.81
C LEU A 51 3.19 -22.70 11.91
N ASN A 52 3.61 -22.70 13.19
CA ASN A 52 2.73 -22.24 14.33
C ASN A 52 3.59 -21.59 15.40
N PRO A 53 4.15 -20.38 15.15
CA PRO A 53 5.07 -19.75 16.08
C PRO A 53 4.34 -19.26 17.34
N ASN A 54 4.92 -19.49 18.51
CA ASN A 54 4.52 -18.76 19.74
C ASN A 54 5.47 -17.57 19.86
N TYR A 55 5.07 -16.39 19.36
CA TYR A 55 5.97 -15.23 19.26
C TYR A 55 6.44 -14.80 20.65
N GLU A 56 5.59 -14.86 21.67
CA GLU A 56 6.02 -14.50 23.04
C GLU A 56 7.19 -15.42 23.45
N ASP A 57 7.03 -16.73 23.31
CA ASP A 57 8.08 -17.70 23.71
C ASP A 57 9.32 -17.44 22.85
N LEU A 58 9.16 -17.25 21.55
CA LEU A 58 10.33 -17.05 20.65
C LEU A 58 11.07 -15.78 21.07
N LEU A 59 10.33 -14.72 21.41
CA LEU A 59 10.94 -13.39 21.68
C LEU A 59 11.64 -13.43 23.05
N ILE A 60 11.00 -14.06 24.03
CA ILE A 60 11.60 -14.26 25.39
C ILE A 60 12.98 -14.93 25.24
N ARG A 61 13.12 -15.86 24.30
CA ARG A 61 14.37 -16.67 24.10
C ARG A 61 15.49 -15.80 23.51
N LYS A 62 15.14 -14.72 22.78
CA LYS A 62 16.13 -13.81 22.12
C LYS A 62 16.73 -12.82 23.13
N SER A 63 18.04 -12.59 23.02
CA SER A 63 18.75 -11.47 23.70
C SER A 63 18.90 -10.31 22.72
N ASN A 64 19.09 -9.11 23.25
CA ASN A 64 19.51 -7.91 22.49
C ASN A 64 20.59 -8.27 21.45
N HIS A 65 21.52 -9.16 21.79
CA HIS A 65 22.71 -9.46 20.96
C HIS A 65 22.37 -10.48 19.87
N ASN A 66 21.18 -11.09 19.90
CA ASN A 66 20.72 -11.97 18.78
C ASN A 66 20.33 -11.13 17.55
N PHE A 67 20.19 -9.80 17.70
CA PHE A 67 19.74 -8.87 16.62
C PHE A 67 20.90 -8.01 16.11
N LEU A 68 21.19 -8.14 14.82
CA LEU A 68 22.21 -7.34 14.11
C LEU A 68 21.49 -6.26 13.28
N VAL A 69 21.68 -4.99 13.66
CA VAL A 69 21.09 -3.82 12.94
C VAL A 69 22.22 -3.06 12.27
N GLN A 70 22.18 -2.97 10.94
CA GLN A 70 23.17 -2.22 10.12
C GLN A 70 22.45 -1.04 9.46
N ALA A 71 22.91 0.17 9.76
CA ALA A 71 22.56 1.42 9.06
C ALA A 71 23.76 1.83 8.19
N GLY A 72 23.66 1.62 6.88
CA GLY A 72 24.79 1.71 5.94
C GLY A 72 25.95 0.87 6.44
N ASN A 73 27.03 1.55 6.84
CA ASN A 73 28.31 0.93 7.30
C ASN A 73 28.36 0.80 8.83
N VAL A 74 27.32 1.28 9.53
CA VAL A 74 27.32 1.38 11.02
C VAL A 74 26.50 0.22 11.59
N GLN A 75 27.13 -0.57 12.47
CA GLN A 75 26.44 -1.52 13.39
C GLN A 75 25.81 -0.72 14.53
N LEU A 76 24.48 -0.72 14.63
CA LEU A 76 23.71 -0.08 15.74
C LEU A 76 23.60 -1.04 16.93
N ARG A 77 23.64 -0.47 18.14
CA ARG A 77 23.68 -1.22 19.41
C ARG A 77 22.23 -1.37 19.92
N VAL A 78 21.73 -2.61 19.94
CA VAL A 78 20.35 -2.91 20.41
C VAL A 78 20.38 -3.03 21.93
N ILE A 79 19.58 -2.19 22.62
CA ILE A 79 19.59 -2.06 24.10
C ILE A 79 18.25 -2.53 24.67
N GLY A 80 17.36 -3.03 23.82
CA GLY A 80 15.97 -3.36 24.17
C GLY A 80 15.23 -3.97 23.01
N HIS A 81 14.38 -4.96 23.30
CA HIS A 81 13.60 -5.67 22.27
C HIS A 81 12.19 -5.94 22.83
N SER A 82 11.17 -5.69 22.01
CA SER A 82 9.77 -5.79 22.42
C SER A 82 8.87 -5.96 21.18
N MET A 83 7.59 -6.20 21.41
CA MET A 83 6.61 -6.58 20.37
C MET A 83 5.41 -5.65 20.51
N GLN A 84 5.03 -4.94 19.46
CA GLN A 84 3.69 -4.33 19.38
C GLN A 84 2.90 -5.06 18.28
N ASN A 85 1.99 -5.92 18.70
CA ASN A 85 1.22 -6.81 17.80
C ASN A 85 2.26 -7.55 16.94
N CYS A 86 2.21 -7.40 15.61
CA CYS A 86 3.05 -8.19 14.69
C CYS A 86 4.34 -7.46 14.33
N VAL A 87 4.61 -6.32 14.94
CA VAL A 87 5.84 -5.53 14.66
C VAL A 87 6.83 -5.66 15.80
N LEU A 88 8.06 -6.01 15.46
CA LEU A 88 9.19 -6.02 16.41
C LEU A 88 9.74 -4.60 16.57
N LYS A 89 10.02 -4.22 17.80
CA LYS A 89 10.54 -2.88 18.17
C LYS A 89 11.89 -3.09 18.86
N LEU A 90 12.96 -2.75 18.17
CA LEU A 90 14.35 -2.79 18.69
C LEU A 90 14.76 -1.38 19.14
N LYS A 91 14.90 -1.18 20.43
CA LYS A 91 15.50 0.05 20.99
C LYS A 91 17.01 0.01 20.71
N VAL A 92 17.53 1.05 20.06
CA VAL A 92 18.98 1.20 19.79
C VAL A 92 19.49 2.40 20.60
N ASP A 93 20.80 2.46 20.83
CA ASP A 93 21.42 3.47 21.72
C ASP A 93 21.64 4.81 20.99
N THR A 94 21.08 5.00 19.78
CA THR A 94 21.26 6.22 18.93
C THR A 94 19.94 6.58 18.23
N ALA A 95 19.47 7.82 18.40
CA ALA A 95 18.31 8.37 17.69
C ALA A 95 18.76 8.62 16.25
N ASN A 96 17.93 8.25 15.27
CA ASN A 96 18.25 8.45 13.84
C ASN A 96 18.36 9.96 13.64
N PRO A 97 19.55 10.49 13.27
CA PRO A 97 19.70 11.93 13.03
C PRO A 97 18.98 12.39 11.76
N LYS A 98 18.61 11.45 10.87
CA LYS A 98 17.84 11.73 9.64
C LYS A 98 16.33 11.53 9.87
N THR A 99 15.89 11.24 11.11
CA THR A 99 14.46 11.04 11.44
C THR A 99 13.67 12.21 10.88
N PRO A 100 12.76 12.01 9.90
CA PRO A 100 11.88 13.08 9.44
C PRO A 100 10.82 13.37 10.51
N LYS A 101 10.00 14.40 10.33
CA LYS A 101 8.67 14.49 11.00
C LYS A 101 7.79 13.36 10.45
N TYR A 102 7.09 12.63 11.31
CA TYR A 102 6.32 11.43 10.92
C TYR A 102 5.10 11.25 11.81
N LYS A 103 4.05 10.64 11.26
CA LYS A 103 2.95 9.99 12.02
C LYS A 103 2.82 8.54 11.54
N PHE A 104 2.15 7.72 12.35
CA PHE A 104 1.63 6.39 11.99
C PHE A 104 0.13 6.50 11.75
N VAL A 105 -0.33 6.19 10.55
CA VAL A 105 -1.77 6.25 10.20
C VAL A 105 -2.18 4.88 9.71
N ARG A 106 -3.44 4.54 9.91
CA ARG A 106 -4.06 3.35 9.29
C ARG A 106 -4.92 3.84 8.13
N ILE A 107 -4.63 3.38 6.90
CA ILE A 107 -5.35 3.80 5.68
C ILE A 107 -6.54 2.88 5.46
N GLN A 108 -7.42 3.27 4.54
CA GLN A 108 -8.66 2.56 4.14
C GLN A 108 -8.41 1.80 2.85
N PRO A 109 -9.16 0.71 2.60
CA PRO A 109 -9.07 0.01 1.31
C PRO A 109 -9.48 0.99 0.20
N GLY A 110 -8.72 0.99 -0.91
CA GLY A 110 -8.91 1.91 -2.05
C GLY A 110 -7.98 3.09 -2.00
N GLN A 111 -7.43 3.41 -0.83
CA GLN A 111 -6.46 4.51 -0.68
C GLN A 111 -5.11 4.06 -1.26
N THR A 112 -4.36 5.02 -1.76
CA THR A 112 -3.04 4.82 -2.40
C THR A 112 -1.92 5.34 -1.50
N PHE A 113 -0.72 4.87 -1.79
CA PHE A 113 0.50 5.14 -1.02
C PHE A 113 1.69 4.65 -1.84
N SER A 114 2.86 5.13 -1.49
CA SER A 114 4.14 4.80 -2.11
C SER A 114 4.85 3.75 -1.27
N VAL A 115 5.52 2.79 -1.93
CA VAL A 115 6.39 1.79 -1.23
C VAL A 115 7.82 2.13 -1.60
N LEU A 116 8.70 2.27 -0.61
CA LEU A 116 10.15 2.21 -0.85
C LEU A 116 10.62 0.76 -0.73
N ALA A 117 10.72 0.06 -1.87
CA ALA A 117 11.19 -1.34 -1.91
C ALA A 117 12.69 -1.36 -1.57
N CYS A 118 13.06 -2.19 -0.60
CA CYS A 118 14.44 -2.31 -0.10
C CYS A 118 14.91 -3.76 -0.17
N TYR A 119 16.19 -3.94 -0.46
CA TYR A 119 16.94 -5.22 -0.38
C TYR A 119 17.97 -5.10 0.74
N ASN A 120 17.87 -5.95 1.77
CA ASN A 120 18.83 -6.00 2.90
C ASN A 120 19.13 -4.59 3.44
N GLY A 121 18.10 -3.74 3.62
CA GLY A 121 18.21 -2.43 4.27
C GLY A 121 18.56 -1.33 3.29
N SER A 122 18.75 -1.69 2.02
CA SER A 122 19.20 -0.75 0.97
C SER A 122 18.03 -0.36 0.06
N PRO A 123 17.68 0.94 -0.04
CA PRO A 123 16.64 1.40 -0.96
C PRO A 123 16.96 0.93 -2.38
N SER A 124 15.99 0.35 -3.06
CA SER A 124 16.14 -0.25 -4.40
C SER A 124 15.21 0.47 -5.41
N GLY A 125 14.00 0.81 -5.00
CA GLY A 125 12.99 1.35 -5.91
C GLY A 125 11.79 1.93 -5.17
N VAL A 126 11.04 2.80 -5.84
CA VAL A 126 9.82 3.41 -5.27
C VAL A 126 8.69 3.22 -6.28
N TYR A 127 7.52 2.77 -5.81
CA TYR A 127 6.33 2.62 -6.67
C TYR A 127 5.07 3.05 -5.93
N GLN A 128 4.05 3.48 -6.68
CA GLN A 128 2.72 3.86 -6.18
C GLN A 128 1.77 2.67 -6.33
N CYS A 129 1.00 2.37 -5.28
CA CYS A 129 -0.03 1.30 -5.33
C CYS A 129 -1.25 1.70 -4.52
N ALA A 130 -2.30 0.90 -4.63
CA ALA A 130 -3.52 0.96 -3.82
C ALA A 130 -3.57 -0.24 -2.88
N MET A 131 -4.04 0.01 -1.66
CA MET A 131 -4.65 -1.00 -0.77
C MET A 131 -5.88 -1.56 -1.50
N ARG A 132 -5.80 -2.81 -1.94
CA ARG A 132 -6.97 -3.48 -2.59
C ARG A 132 -8.13 -3.54 -1.60
N PRO A 133 -9.38 -3.56 -2.11
CA PRO A 133 -10.56 -3.76 -1.28
C PRO A 133 -10.47 -4.99 -0.36
N ASN A 134 -9.66 -5.99 -0.72
CA ASN A 134 -9.47 -7.22 0.09
C ASN A 134 -8.23 -7.09 0.98
N PHE A 135 -7.66 -5.89 1.10
CA PHE A 135 -6.53 -5.55 2.01
C PHE A 135 -5.22 -6.23 1.59
N THR A 136 -5.06 -6.55 0.32
CA THR A 136 -3.77 -7.08 -0.22
C THR A 136 -3.10 -6.00 -1.06
N ILE A 137 -1.84 -6.22 -1.38
CA ILE A 137 -1.01 -5.31 -2.22
C ILE A 137 -0.43 -6.14 -3.35
N LYS A 138 -0.72 -5.76 -4.59
CA LYS A 138 -0.07 -6.34 -5.79
C LYS A 138 1.22 -5.58 -5.99
N GLY A 139 2.37 -6.22 -5.92
CA GLY A 139 3.58 -5.40 -6.06
C GLY A 139 4.85 -6.16 -6.25
N SER A 140 5.91 -5.48 -5.76
CA SER A 140 7.37 -5.79 -5.79
C SER A 140 7.66 -7.30 -5.84
N PHE A 141 8.66 -7.69 -6.63
CA PHE A 141 9.04 -9.12 -6.84
C PHE A 141 9.46 -9.79 -5.49
N LEU A 142 9.98 -9.01 -4.50
CA LEU A 142 10.14 -9.37 -3.03
C LEU A 142 11.54 -9.92 -2.69
N ASN A 143 12.60 -9.74 -3.48
CA ASN A 143 13.90 -10.27 -2.97
C ASN A 143 14.29 -9.42 -1.74
N GLY A 144 14.17 -10.03 -0.56
CA GLY A 144 14.40 -9.41 0.76
C GLY A 144 13.62 -8.11 0.90
N SER A 145 12.33 -8.13 0.54
CA SER A 145 11.41 -6.96 0.52
C SER A 145 10.61 -6.86 1.81
N CYS A 146 10.57 -7.94 2.61
CA CYS A 146 9.93 -7.94 3.94
C CYS A 146 10.46 -6.73 4.73
N GLY A 147 9.55 -5.97 5.34
CA GLY A 147 9.86 -4.79 6.16
C GLY A 147 9.95 -3.50 5.35
N SER A 148 9.84 -3.56 4.02
CA SER A 148 9.66 -2.36 3.16
C SER A 148 8.37 -1.65 3.57
N VAL A 149 8.36 -0.32 3.61
CA VAL A 149 7.21 0.47 4.18
C VAL A 149 6.50 1.28 3.10
N GLY A 150 5.20 1.45 3.31
CA GLY A 150 4.30 2.34 2.56
C GLY A 150 4.06 3.64 3.30
N PHE A 151 3.87 4.72 2.56
CA PHE A 151 3.90 6.09 3.10
C PHE A 151 3.25 7.08 2.14
N ASN A 152 2.68 8.11 2.73
CA ASN A 152 2.21 9.32 2.06
C ASN A 152 3.04 10.45 2.65
N ILE A 153 3.33 11.48 1.88
CA ILE A 153 3.88 12.75 2.41
C ILE A 153 2.75 13.77 2.45
N ASP A 154 2.43 14.26 3.65
CA ASP A 154 1.38 15.27 3.91
C ASP A 154 2.09 16.55 4.38
N TYR A 155 2.14 17.57 3.53
CA TYR A 155 2.93 18.82 3.73
C TYR A 155 4.42 18.46 3.96
N ASP A 156 4.89 18.51 5.20
CA ASP A 156 6.33 18.29 5.53
C ASP A 156 6.49 16.95 6.30
N CYS A 157 5.35 16.28 6.57
CA CYS A 157 5.22 15.08 7.43
C CYS A 157 5.14 13.79 6.60
N VAL A 158 5.97 12.81 6.92
CA VAL A 158 5.83 11.41 6.39
C VAL A 158 4.74 10.69 7.21
N SER A 159 3.65 10.27 6.57
CA SER A 159 2.63 9.37 7.14
C SER A 159 2.97 7.94 6.71
N PHE A 160 3.58 7.19 7.62
CA PHE A 160 3.85 5.74 7.43
C PHE A 160 2.55 5.01 7.61
N CYS A 161 2.11 4.18 6.64
CA CYS A 161 0.78 3.52 6.69
C CYS A 161 0.88 2.00 6.54
N TYR A 162 2.04 1.45 6.20
CA TYR A 162 2.11 0.05 5.76
C TYR A 162 3.51 -0.49 5.98
N MET A 163 3.61 -1.74 6.40
CA MET A 163 4.86 -2.54 6.33
C MET A 163 4.56 -3.90 5.71
N HIS A 164 5.30 -4.28 4.67
CA HIS A 164 5.23 -5.62 4.01
C HIS A 164 5.69 -6.70 5.01
N HIS A 165 4.85 -7.72 5.24
CA HIS A 165 5.19 -8.92 6.06
C HIS A 165 5.28 -10.19 5.22
N MET A 166 4.46 -10.39 4.20
CA MET A 166 4.36 -11.72 3.57
C MET A 166 3.69 -11.69 2.21
N GLU A 167 3.83 -12.79 1.50
CA GLU A 167 3.16 -13.06 0.22
C GLU A 167 2.14 -14.17 0.47
N LEU A 168 0.97 -14.05 -0.13
CA LEU A 168 -0.17 -15.02 -0.05
C LEU A 168 -0.06 -16.00 -1.21
N PRO A 169 -0.78 -17.15 -1.17
CA PRO A 169 -0.77 -18.13 -2.26
C PRO A 169 -0.82 -17.49 -3.65
N THR A 170 -1.74 -16.54 -3.84
CA THR A 170 -2.04 -15.88 -5.13
C THR A 170 -0.83 -15.05 -5.60
N GLY A 171 0.14 -14.81 -4.73
CA GLY A 171 1.33 -13.96 -5.00
C GLY A 171 1.09 -12.49 -4.70
N VAL A 172 -0.08 -12.10 -4.18
CA VAL A 172 -0.29 -10.74 -3.64
C VAL A 172 0.41 -10.64 -2.28
N HIS A 173 0.55 -9.43 -1.75
CA HIS A 173 1.30 -9.15 -0.50
C HIS A 173 0.34 -8.71 0.60
N ALA A 174 0.71 -8.97 1.85
CA ALA A 174 -0.03 -8.58 3.07
C ALA A 174 0.96 -8.05 4.09
N GLY A 175 0.50 -7.09 4.87
CA GLY A 175 1.27 -6.58 6.00
C GLY A 175 0.43 -5.71 6.90
N THR A 176 1.08 -4.88 7.69
CA THR A 176 0.45 -4.27 8.88
C THR A 176 0.55 -2.76 8.76
N ASP A 177 -0.09 -2.05 9.66
CA ASP A 177 0.28 -0.65 9.95
C ASP A 177 1.54 -0.69 10.81
N LEU A 178 2.05 0.48 11.18
CA LEU A 178 3.33 0.57 11.93
C LEU A 178 3.12 0.31 13.42
N GLU A 179 1.87 0.02 13.83
CA GLU A 179 1.53 -0.47 15.19
C GLU A 179 1.31 -1.97 15.15
N GLY A 180 1.51 -2.59 13.99
CA GLY A 180 1.68 -4.04 13.82
C GLY A 180 0.37 -4.78 13.72
N ASN A 181 -0.72 -4.09 13.42
CA ASN A 181 -2.05 -4.68 13.14
C ASN A 181 -2.11 -5.02 11.63
N PHE A 182 -2.41 -6.27 11.27
CA PHE A 182 -2.60 -6.63 9.84
C PHE A 182 -3.73 -5.78 9.24
N TYR A 183 -3.58 -5.42 7.98
CA TYR A 183 -4.68 -5.09 7.05
C TYR A 183 -5.26 -6.41 6.58
N GLY A 184 -6.57 -6.61 6.75
CA GLY A 184 -7.27 -7.84 6.34
C GLY A 184 -7.14 -8.94 7.37
N PRO A 185 -7.67 -10.15 7.08
CA PRO A 185 -7.80 -11.21 8.08
C PRO A 185 -6.57 -12.13 8.15
N PHE A 186 -5.37 -11.59 7.92
CA PHE A 186 -4.13 -12.38 7.75
C PHE A 186 -3.36 -12.43 9.06
N VAL A 187 -2.59 -13.49 9.26
CA VAL A 187 -1.71 -13.71 10.45
C VAL A 187 -0.31 -14.06 9.93
N ASP A 188 0.74 -13.66 10.67
CA ASP A 188 2.17 -13.90 10.35
C ASP A 188 2.51 -15.34 10.75
N ARG A 189 1.91 -16.28 10.04
CA ARG A 189 2.03 -17.73 10.26
C ARG A 189 1.99 -18.39 8.88
N GLN A 190 2.91 -19.30 8.61
CA GLN A 190 2.99 -20.02 7.32
C GLN A 190 1.90 -21.07 7.29
N THR A 191 0.71 -20.63 6.97
CA THR A 191 -0.49 -21.47 6.80
C THR A 191 -1.24 -20.90 5.60
N ALA A 192 -2.00 -21.72 4.88
CA ALA A 192 -2.80 -21.28 3.71
C ALA A 192 -3.87 -20.31 4.20
N GLN A 193 -3.89 -19.11 3.66
CA GLN A 193 -4.85 -18.05 4.05
C GLN A 193 -5.40 -17.45 2.77
N ALA A 194 -6.71 -17.37 2.68
CA ALA A 194 -7.46 -16.84 1.52
C ALA A 194 -7.67 -15.34 1.72
N ALA A 195 -7.50 -14.55 0.67
CA ALA A 195 -7.97 -13.16 0.61
C ALA A 195 -9.43 -13.15 0.18
N GLY A 196 -10.19 -12.11 0.48
CA GLY A 196 -11.53 -11.97 -0.09
C GLY A 196 -11.45 -11.88 -1.61
N THR A 197 -12.61 -11.87 -2.27
CA THR A 197 -12.77 -11.39 -3.66
C THR A 197 -12.09 -10.03 -3.78
N ASP A 198 -11.22 -9.85 -4.77
CA ASP A 198 -10.61 -8.53 -5.10
C ASP A 198 -11.51 -7.81 -6.10
N THR A 199 -12.21 -6.77 -5.65
CA THR A 199 -13.13 -5.92 -6.44
C THR A 199 -12.35 -4.71 -7.01
N THR A 200 -12.87 -4.06 -8.05
CA THR A 200 -12.31 -2.81 -8.63
C THR A 200 -12.77 -1.61 -7.81
N ILE A 201 -11.86 -0.64 -7.57
CA ILE A 201 -12.14 0.58 -6.76
C ILE A 201 -12.80 1.59 -7.69
N THR A 202 -14.14 1.52 -7.75
CA THR A 202 -14.99 2.34 -8.67
C THR A 202 -14.63 3.85 -8.59
N VAL A 203 -14.52 4.40 -7.40
CA VAL A 203 -14.29 5.86 -7.21
C VAL A 203 -12.95 6.22 -7.86
N ASN A 204 -11.97 5.33 -7.79
CA ASN A 204 -10.64 5.54 -8.42
C ASN A 204 -10.79 5.50 -9.95
N VAL A 205 -11.56 4.55 -10.48
CA VAL A 205 -11.78 4.43 -11.95
C VAL A 205 -12.41 5.73 -12.43
N LEU A 206 -13.41 6.24 -11.72
CA LEU A 206 -14.06 7.53 -12.06
C LEU A 206 -13.04 8.68 -12.00
N ALA A 207 -12.18 8.73 -10.97
CA ALA A 207 -11.14 9.80 -10.89
C ALA A 207 -10.32 9.77 -12.19
N TRP A 208 -10.02 8.57 -12.67
CA TRP A 208 -9.08 8.35 -13.78
C TRP A 208 -9.75 8.70 -15.12
N LEU A 209 -11.02 8.37 -15.28
CA LEU A 209 -11.82 8.88 -16.43
C LEU A 209 -11.82 10.42 -16.40
N TYR A 210 -11.90 11.02 -15.23
CA TYR A 210 -11.82 12.49 -15.10
C TYR A 210 -10.46 12.94 -15.62
N ALA A 211 -9.38 12.27 -15.17
CA ALA A 211 -8.00 12.56 -15.62
C ALA A 211 -7.92 12.43 -17.16
N ALA A 212 -8.62 11.47 -17.73
CA ALA A 212 -8.61 11.22 -19.18
C ALA A 212 -9.22 12.43 -19.90
N VAL A 213 -10.38 12.90 -19.46
CA VAL A 213 -11.06 14.14 -19.99
C VAL A 213 -10.14 15.36 -19.87
N ILE A 214 -9.59 15.62 -18.69
CA ILE A 214 -8.64 16.74 -18.44
C ILE A 214 -7.49 16.70 -19.45
N ASN A 215 -7.03 15.50 -19.82
CA ASN A 215 -5.91 15.28 -20.77
C ASN A 215 -6.46 15.14 -22.19
N GLY A 216 -7.76 15.40 -22.40
CA GLY A 216 -8.37 15.58 -23.72
C GLY A 216 -8.80 14.26 -24.33
N ASP A 217 -8.90 13.20 -23.51
CA ASP A 217 -9.31 11.84 -23.94
C ASP A 217 -10.81 11.65 -23.60
N ARG A 218 -11.68 11.74 -24.61
CA ARG A 218 -13.12 12.10 -24.45
C ARG A 218 -14.06 11.13 -25.17
N TRP A 219 -13.55 10.12 -25.86
CA TRP A 219 -14.39 9.26 -26.75
C TRP A 219 -15.49 8.54 -25.94
N PHE A 220 -15.25 8.24 -24.66
CA PHE A 220 -16.11 7.33 -23.83
C PHE A 220 -17.26 8.10 -23.20
N LEU A 221 -17.27 9.42 -23.30
CA LEU A 221 -18.42 10.24 -22.85
C LEU A 221 -19.62 9.96 -23.75
N ASN A 222 -20.79 9.73 -23.15
CA ASN A 222 -22.05 9.43 -23.87
C ASN A 222 -23.10 10.47 -23.48
N ARG A 223 -24.26 10.45 -24.16
CA ARG A 223 -25.39 11.40 -23.92
C ARG A 223 -26.07 11.02 -22.60
N PHE A 224 -25.91 9.79 -22.15
CA PHE A 224 -26.74 9.20 -21.07
C PHE A 224 -26.33 9.78 -19.71
N THR A 225 -27.29 9.83 -18.80
CA THR A 225 -27.04 9.84 -17.34
C THR A 225 -27.63 8.55 -16.75
N THR A 226 -27.57 8.44 -15.43
CA THR A 226 -27.93 7.24 -14.64
C THR A 226 -28.16 7.68 -13.20
N THR A 227 -28.77 6.83 -12.39
CA THR A 227 -28.88 7.01 -10.92
C THR A 227 -27.78 6.22 -10.25
N LEU A 228 -27.41 6.57 -9.01
CA LEU A 228 -26.45 5.81 -8.18
C LEU A 228 -26.98 4.39 -8.03
N ASN A 229 -28.29 4.27 -7.80
CA ASN A 229 -28.99 2.97 -7.62
C ASN A 229 -28.75 2.06 -8.83
N ASP A 230 -29.06 2.55 -10.03
CA ASP A 230 -29.02 1.74 -11.27
C ASP A 230 -27.55 1.45 -11.63
N PHE A 231 -26.65 2.41 -11.35
CA PHE A 231 -25.20 2.25 -11.58
C PHE A 231 -24.68 1.07 -10.74
N ASN A 232 -25.07 1.02 -9.47
CA ASN A 232 -24.52 0.07 -8.45
C ASN A 232 -24.99 -1.36 -8.75
N LEU A 233 -26.18 -1.54 -9.33
CA LEU A 233 -26.66 -2.88 -9.77
C LEU A 233 -25.71 -3.42 -10.86
N VAL A 234 -25.42 -2.61 -11.88
CA VAL A 234 -24.45 -2.96 -12.95
C VAL A 234 -23.05 -3.13 -12.36
N ALA A 235 -22.59 -2.20 -11.52
CA ALA A 235 -21.26 -2.26 -10.86
C ALA A 235 -21.04 -3.64 -10.24
N MET A 236 -21.96 -4.05 -9.37
CA MET A 236 -21.90 -5.34 -8.60
C MET A 236 -21.86 -6.55 -9.56
N LYS A 237 -22.51 -6.46 -10.73
CA LYS A 237 -22.47 -7.54 -11.76
C LYS A 237 -21.02 -7.75 -12.24
N TYR A 238 -20.20 -6.69 -12.30
CA TYR A 238 -18.83 -6.72 -12.88
C TYR A 238 -17.75 -6.59 -11.81
N ASN A 239 -18.07 -6.85 -10.56
CA ASN A 239 -17.05 -6.98 -9.48
C ASN A 239 -16.46 -5.60 -9.16
N TYR A 240 -17.26 -4.55 -9.31
CA TYR A 240 -16.91 -3.14 -8.98
C TYR A 240 -17.57 -2.76 -7.65
N GLU A 241 -16.86 -2.05 -6.80
CA GLU A 241 -17.41 -1.59 -5.51
C GLU A 241 -18.63 -0.72 -5.76
N PRO A 242 -19.67 -0.79 -4.89
CA PRO A 242 -20.77 0.15 -4.97
C PRO A 242 -20.26 1.58 -4.72
N LEU A 243 -20.86 2.54 -5.39
CA LEU A 243 -20.58 3.98 -5.21
C LEU A 243 -21.59 4.54 -4.19
N THR A 244 -21.14 5.42 -3.30
CA THR A 244 -21.97 6.12 -2.28
C THR A 244 -21.96 7.61 -2.60
N GLN A 245 -22.80 8.40 -1.92
CA GLN A 245 -22.89 9.88 -2.02
C GLN A 245 -21.55 10.52 -1.63
N ASP A 246 -20.85 9.93 -0.66
CA ASP A 246 -19.53 10.44 -0.19
C ASP A 246 -18.52 10.36 -1.35
N HIS A 247 -18.53 9.24 -2.08
CA HIS A 247 -17.73 9.04 -3.30
C HIS A 247 -18.13 10.10 -4.34
N VAL A 248 -19.43 10.36 -4.48
CA VAL A 248 -19.92 11.45 -5.39
C VAL A 248 -19.29 12.77 -4.93
N ASP A 249 -19.33 13.07 -3.63
CA ASP A 249 -18.86 14.37 -3.06
C ASP A 249 -17.36 14.50 -3.28
N ILE A 250 -16.64 13.41 -3.08
CA ILE A 250 -15.16 13.32 -3.19
C ILE A 250 -14.74 13.69 -4.62
N LEU A 251 -15.59 13.40 -5.62
CA LEU A 251 -15.26 13.63 -7.05
C LEU A 251 -15.61 15.07 -7.46
N GLY A 252 -16.18 15.88 -6.56
CA GLY A 252 -16.76 17.21 -6.86
C GLY A 252 -15.81 18.12 -7.63
N PRO A 253 -14.57 18.33 -7.14
CA PRO A 253 -13.61 19.18 -7.86
C PRO A 253 -13.33 18.76 -9.30
N LEU A 254 -13.32 17.46 -9.59
CA LEU A 254 -13.04 16.95 -10.95
C LEU A 254 -14.26 17.19 -11.84
N SER A 255 -15.45 16.99 -11.30
CA SER A 255 -16.75 17.32 -11.95
C SER A 255 -16.78 18.78 -12.34
N ALA A 256 -16.51 19.67 -11.39
CA ALA A 256 -16.63 21.13 -11.56
C ALA A 256 -15.60 21.58 -12.58
N GLN A 257 -14.38 21.08 -12.48
CA GLN A 257 -13.29 21.49 -13.41
C GLN A 257 -13.70 21.08 -14.83
N THR A 258 -14.22 19.86 -15.02
CA THR A 258 -14.47 19.27 -16.37
C THR A 258 -15.83 19.70 -16.91
N GLY A 259 -16.75 20.11 -16.04
CA GLY A 259 -18.15 20.40 -16.40
C GLY A 259 -18.90 19.13 -16.75
N ILE A 260 -18.50 18.01 -16.15
CA ILE A 260 -19.17 16.69 -16.33
C ILE A 260 -19.67 16.22 -14.99
N ALA A 261 -21.00 16.11 -14.82
CA ALA A 261 -21.64 15.69 -13.55
C ALA A 261 -21.14 14.29 -13.24
N VAL A 262 -21.16 13.90 -11.99
CA VAL A 262 -20.60 12.60 -11.53
C VAL A 262 -21.46 11.47 -12.09
N LEU A 263 -22.79 11.65 -12.08
CA LEU A 263 -23.75 10.60 -12.55
C LEU A 263 -23.66 10.45 -14.07
N ASP A 264 -23.22 11.48 -14.81
CA ASP A 264 -22.96 11.40 -16.28
C ASP A 264 -21.70 10.57 -16.52
N MET A 265 -20.64 10.79 -15.75
CA MET A 265 -19.41 9.97 -15.84
C MET A 265 -19.74 8.52 -15.45
N CYS A 266 -20.56 8.35 -14.42
CA CYS A 266 -21.07 7.03 -14.00
C CYS A 266 -21.75 6.33 -15.19
N ALA A 267 -22.55 7.08 -15.98
CA ALA A 267 -23.25 6.54 -17.16
C ALA A 267 -22.21 6.09 -18.21
N SER A 268 -21.14 6.86 -18.38
CA SER A 268 -19.99 6.50 -19.26
C SER A 268 -19.35 5.18 -18.80
N LEU A 269 -19.11 5.03 -17.50
CA LEU A 269 -18.46 3.81 -16.95
C LEU A 269 -19.40 2.60 -17.13
N LYS A 270 -20.69 2.78 -16.86
CA LYS A 270 -21.74 1.74 -17.04
C LYS A 270 -21.60 1.14 -18.45
N GLU A 271 -21.62 1.98 -19.49
CA GLU A 271 -21.55 1.56 -20.93
C GLU A 271 -20.22 0.83 -21.20
N LEU A 272 -19.09 1.36 -20.71
CA LEU A 272 -17.75 0.74 -20.87
C LEU A 272 -17.77 -0.68 -20.28
N LEU A 273 -18.38 -0.87 -19.11
CA LEU A 273 -18.49 -2.19 -18.46
C LEU A 273 -19.34 -3.11 -19.34
N GLN A 274 -20.49 -2.62 -19.79
CA GLN A 274 -21.49 -3.44 -20.55
C GLN A 274 -20.96 -3.83 -21.94
N ASN A 275 -20.18 -2.97 -22.61
CA ASN A 275 -19.84 -3.10 -24.05
C ASN A 275 -18.33 -3.27 -24.27
N GLY A 276 -17.49 -3.13 -23.23
CA GLY A 276 -16.03 -3.14 -23.37
C GLY A 276 -15.54 -1.94 -24.17
N MET A 277 -14.27 -1.93 -24.55
CA MET A 277 -13.58 -0.72 -25.09
C MET A 277 -13.47 -0.74 -26.62
N ASN A 278 -13.98 -1.79 -27.28
CA ASN A 278 -13.99 -1.94 -28.76
C ASN A 278 -12.59 -1.71 -29.33
N GLY A 279 -11.56 -2.25 -28.68
CA GLY A 279 -10.16 -2.15 -29.13
C GLY A 279 -9.58 -0.74 -29.02
N ARG A 280 -10.23 0.15 -28.29
CA ARG A 280 -9.68 1.51 -28.00
C ARG A 280 -9.04 1.53 -26.60
N THR A 281 -8.37 2.64 -26.29
CA THR A 281 -7.54 2.84 -25.07
C THR A 281 -7.86 4.20 -24.44
N ILE A 282 -7.59 4.33 -23.14
CA ILE A 282 -7.81 5.60 -22.39
C ILE A 282 -6.52 5.92 -21.67
N LEU A 283 -5.96 7.09 -21.96
CA LEU A 283 -4.62 7.48 -21.48
C LEU A 283 -3.62 6.34 -21.79
N GLY A 284 -3.81 5.66 -22.91
CA GLY A 284 -2.87 4.65 -23.44
C GLY A 284 -2.93 3.33 -22.68
N SER A 285 -4.01 3.08 -21.91
CA SER A 285 -4.29 1.77 -21.26
C SER A 285 -5.48 1.12 -21.96
N ALA A 286 -5.45 -0.19 -22.13
CA ALA A 286 -6.59 -0.99 -22.66
C ALA A 286 -7.48 -1.48 -21.51
N LEU A 287 -7.10 -1.28 -20.25
CA LEU A 287 -8.00 -1.61 -19.10
C LEU A 287 -8.26 -0.35 -18.28
N LEU A 288 -9.39 -0.34 -17.56
CA LEU A 288 -9.74 0.75 -16.63
C LEU A 288 -8.80 0.67 -15.42
N GLU A 289 -8.14 1.78 -15.07
CA GLU A 289 -7.12 1.90 -14.00
C GLU A 289 -7.78 2.32 -12.67
N ASP A 290 -7.49 1.63 -11.57
CA ASP A 290 -8.16 1.94 -10.27
C ASP A 290 -7.12 2.23 -9.18
N GLU A 291 -5.88 2.61 -9.51
CA GLU A 291 -4.85 2.91 -8.47
C GLU A 291 -4.53 4.42 -8.44
N PHE A 292 -5.49 5.27 -8.85
CA PHE A 292 -5.47 6.75 -8.64
C PHE A 292 -6.70 7.17 -7.82
N THR A 293 -6.50 7.79 -6.66
CA THR A 293 -7.63 8.34 -5.88
C THR A 293 -8.05 9.65 -6.52
N PRO A 294 -9.27 10.13 -6.21
CA PRO A 294 -9.67 11.48 -6.60
C PRO A 294 -8.62 12.50 -6.15
N PHE A 295 -8.08 12.36 -4.93
CA PHE A 295 -7.01 13.24 -4.39
C PHE A 295 -5.75 13.16 -5.28
N ASP A 296 -5.37 11.97 -5.75
CA ASP A 296 -4.16 11.81 -6.60
C ASP A 296 -4.36 12.62 -7.89
N VAL A 297 -5.52 12.58 -8.50
CA VAL A 297 -5.73 13.23 -9.82
C VAL A 297 -5.66 14.75 -9.63
N VAL A 298 -6.27 15.24 -8.54
CA VAL A 298 -6.31 16.69 -8.21
C VAL A 298 -4.89 17.18 -7.97
N ARG A 299 -4.14 16.46 -7.13
CA ARG A 299 -2.71 16.74 -6.85
C ARG A 299 -1.97 16.91 -8.19
N GLN A 300 -2.07 15.94 -9.10
CA GLN A 300 -1.22 15.84 -10.32
C GLN A 300 -1.76 16.78 -11.41
N CYS A 301 -3.05 17.09 -11.40
CA CYS A 301 -3.69 18.11 -12.27
C CYS A 301 -3.69 19.49 -11.58
N SER A 302 -2.57 19.85 -10.94
CA SER A 302 -2.27 21.18 -10.37
C SER A 302 -0.76 21.38 -10.23
C21 P6S B 1 1.28 -20.32 3.13
C22 P6S B 1 0.77 -21.03 1.88
C24 P6S B 1 0.43 -21.13 -0.57
C26 P6S B 1 -0.24 -23.02 0.83
C19 P6S B 1 3.15 -18.79 2.56
C23 P6S B 1 0.89 -20.43 0.59
C25 P6S B 1 -0.13 -22.41 -0.45
C27 P6S B 1 0.22 -22.31 1.98
O20 P6S B 1 1.72 -18.99 2.88
O28 P6S B 1 3.89 -19.74 2.59
N FL6 B 2 3.73 -17.49 2.66
CA FL6 B 2 5.13 -17.31 2.38
C FL6 B 2 5.68 -16.13 3.11
O FL6 B 2 5.39 -15.00 2.80
CB FL6 B 2 5.30 -17.12 0.88
CG FL6 B 2 6.75 -17.07 0.43
OD1 FL6 B 2 7.66 -17.01 1.25
OD2 FL6 B 2 7.03 -16.77 -0.95
CM1 FL6 B 2 8.28 -17.28 -1.39
C GME B 3 8.62 -15.12 4.57
N GME B 3 6.63 -16.30 4.20
O GME B 3 9.37 -14.49 5.25
CA GME B 3 7.13 -15.14 4.83
CB GME B 3 6.77 -15.23 6.30
CD GME B 3 4.29 -16.18 6.16
CG GME B 3 5.27 -14.97 6.53
CX GME B 3 2.07 -16.55 5.15
OE1 GME B 3 4.73 -17.31 6.07
OE2 GME B 3 2.85 -16.00 6.23
N VAL B 4 9.11 -15.92 3.42
CA VAL B 4 10.50 -15.98 3.08
C VAL B 4 10.77 -14.83 2.15
N FL6 B 5 11.61 -13.64 2.49
CA FL6 B 5 12.23 -13.42 3.70
C FL6 B 5 11.51 -12.22 4.39
O FL6 B 5 11.84 -11.93 5.51
CB FL6 B 5 13.73 -13.07 3.53
CG FL6 B 5 14.62 -14.21 3.85
OD1 FL6 B 5 14.48 -15.21 3.25
OD2 FL6 B 5 15.77 -14.04 4.74
CM1 FL6 B 5 17.09 -14.52 4.22
C1 CF0 B 6 10.41 -11.44 3.70
#